data_3JZN
#
_entry.id   3JZN
#
_cell.length_a   57.640
_cell.length_b   85.159
_cell.length_c   91.327
_cell.angle_alpha   90.00
_cell.angle_beta   90.00
_cell.angle_gamma   90.00
#
_symmetry.space_group_name_H-M   'P 21 21 21'
#
loop_
_entity.id
_entity.type
_entity.pdbx_description
1 polymer 'Polycomb protein EED'
2 water water
#
_entity_poly.entity_id   1
_entity_poly.type   'polypeptide(L)'
_entity_poly.pdbx_seq_one_letter_code
;KKCKYSFKCVNSLKEDHNQPLFGVQFNWHSKEGDPLVFATVGSNRVTLYECHSQGEIRLLQSYVDADADENFYTCAWTYD
SNTSHPLLAVAGSRGIIRIINPITMQCIKHYVGHGNAINELKFHPRDPNLLLSVSKDHALRLWNIQTDTLVAIFGGVEGH
RDEVLSADYDLLGEKIMSCGMDHSLKLWRINSKRMMNAIKESYDYNPNKTNRPFISQKIHFPDFSTRDIHRNYVDCVRWL
GDLILSKSCENAIVCWKPGKMEDDIDKIKPSESNVTILGRFDYSQCDIWYMRFSMDFWQKMLALGNQVGKLYVWDLEVED
PHKAKCTTLTHHKCGAAIRQTSFSRDSSILIAVCDDASIWRWDRLR
;
_entity_poly.pdbx_strand_id   A
#
# COMPACT_ATOMS: atom_id res chain seq x y z
N PHE A 7 -20.88 6.82 10.01
CA PHE A 7 -19.64 7.65 10.31
C PHE A 7 -19.90 9.11 10.63
N LYS A 8 -19.27 9.58 11.69
CA LYS A 8 -19.32 10.97 12.09
C LYS A 8 -17.93 11.40 12.51
N CYS A 9 -17.59 12.64 12.21
CA CYS A 9 -16.25 13.14 12.56
C CYS A 9 -16.15 13.50 14.04
N VAL A 10 -15.26 12.81 14.77
CA VAL A 10 -15.19 12.98 16.23
C VAL A 10 -14.00 13.80 16.73
N ASN A 11 -12.95 13.91 15.91
CA ASN A 11 -11.74 14.69 16.26
C ASN A 11 -10.90 15.05 15.00
N SER A 12 -9.97 15.98 15.18
CA SER A 12 -8.92 16.23 14.21
C SER A 12 -7.73 16.89 14.89
N LEU A 13 -6.58 16.85 14.24
CA LEU A 13 -5.42 17.52 14.76
C LEU A 13 -4.48 17.80 13.62
N LYS A 14 -3.36 18.47 13.87
CA LYS A 14 -2.42 18.85 12.81
C LYS A 14 -0.98 18.58 13.30
N GLU A 15 -0.14 17.89 12.53
CA GLU A 15 1.26 17.74 12.95
C GLU A 15 2.10 19.01 12.81
N ASP A 16 2.97 19.25 13.80
CA ASP A 16 3.78 20.50 13.87
C ASP A 16 4.56 20.90 12.58
N HIS A 17 4.94 19.93 11.76
CA HIS A 17 5.78 20.14 10.57
C HIS A 17 5.15 20.90 9.35
N ASN A 18 3.81 20.97 9.31
CA ASN A 18 3.04 21.45 8.13
C ASN A 18 3.30 20.89 6.72
N GLN A 19 4.05 19.79 6.59
CA GLN A 19 4.25 19.11 5.30
C GLN A 19 3.13 18.12 5.11
N PRO A 20 2.91 17.67 3.87
CA PRO A 20 1.90 16.65 3.59
C PRO A 20 2.09 15.35 4.38
N LEU A 21 0.98 14.80 4.84
CA LEU A 21 0.92 13.45 5.38
C LEU A 21 0.57 12.56 4.21
N PHE A 22 1.53 11.76 3.76
CA PHE A 22 1.31 10.93 2.59
C PHE A 22 0.70 9.57 2.88
N GLY A 23 0.86 9.05 4.09
CA GLY A 23 0.34 7.71 4.38
C GLY A 23 -0.20 7.62 5.78
N VAL A 24 -1.27 6.83 5.95
CA VAL A 24 -1.75 6.42 7.27
C VAL A 24 -2.03 4.90 7.28
N GLN A 25 -1.60 4.18 8.30
CA GLN A 25 -2.00 2.79 8.44
C GLN A 25 -2.37 2.45 9.87
N PHE A 26 -3.56 1.86 10.05
CA PHE A 26 -3.85 1.27 11.37
C PHE A 26 -3.03 0.00 11.49
N ASN A 27 -2.78 -0.43 12.71
CA ASN A 27 -2.05 -1.67 12.92
C ASN A 27 -3.05 -2.78 13.12
N TRP A 28 -3.28 -3.58 12.08
CA TRP A 28 -4.21 -4.72 12.11
C TRP A 28 -3.65 -5.94 12.91
N HIS A 29 -2.36 -5.88 13.29
CA HIS A 29 -1.77 -6.92 14.16
C HIS A 29 -1.75 -6.59 15.66
N SER A 30 -2.53 -5.60 16.08
CA SER A 30 -2.49 -5.18 17.49
C SER A 30 -3.22 -6.25 18.31
N LYS A 31 -2.63 -6.59 19.47
CA LYS A 31 -3.06 -7.68 20.33
C LYS A 31 -4.50 -7.49 20.84
N GLU A 32 -5.13 -8.59 21.28
CA GLU A 32 -6.48 -8.50 21.83
C GLU A 32 -6.52 -7.59 23.07
N GLY A 33 -7.41 -6.60 23.03
CA GLY A 33 -7.58 -5.72 24.19
C GLY A 33 -6.65 -4.52 24.33
N ASP A 34 -5.67 -4.35 23.44
CA ASP A 34 -4.94 -3.07 23.40
C ASP A 34 -5.69 -2.09 22.50
N PRO A 35 -5.41 -0.78 22.63
CA PRO A 35 -6.17 0.16 21.81
C PRO A 35 -5.73 0.18 20.34
N LEU A 36 -6.60 0.70 19.46
CA LEU A 36 -6.28 0.84 18.05
C LEU A 36 -5.18 1.89 17.86
N VAL A 37 -4.13 1.53 17.14
CA VAL A 37 -2.97 2.36 17.02
C VAL A 37 -2.80 2.50 15.53
N PHE A 38 -2.51 3.72 15.08
CA PHE A 38 -2.24 3.94 13.68
C PHE A 38 -0.96 4.78 13.51
N ALA A 39 -0.26 4.55 12.39
CA ALA A 39 0.94 5.32 12.00
C ALA A 39 0.60 6.32 10.93
N THR A 40 1.09 7.56 11.06
CA THR A 40 1.15 8.49 9.92
C THR A 40 2.61 8.64 9.47
N VAL A 41 2.79 8.99 8.20
CA VAL A 41 4.11 9.35 7.69
C VAL A 41 3.98 10.64 6.86
N GLY A 42 4.95 11.53 7.02
CA GLY A 42 5.00 12.78 6.30
C GLY A 42 6.22 13.50 6.79
N SER A 43 6.68 14.50 6.05
CA SER A 43 7.98 15.12 6.30
C SER A 43 9.00 14.01 6.41
N ASN A 44 9.98 14.14 7.30
CA ASN A 44 10.94 13.05 7.56
C ASN A 44 10.65 12.23 8.85
N ARG A 45 9.37 11.92 9.10
CA ARG A 45 9.02 11.20 10.32
C ARG A 45 7.87 10.20 10.23
N VAL A 46 7.76 9.36 11.26
CA VAL A 46 6.65 8.45 11.47
C VAL A 46 6.07 8.81 12.84
N THR A 47 4.75 8.79 12.99
CA THR A 47 4.16 9.08 14.30
C THR A 47 3.10 8.08 14.63
N LEU A 48 3.14 7.49 15.81
CA LEU A 48 2.04 6.60 16.21
C LEU A 48 1.03 7.37 17.02
N TYR A 49 -0.26 7.13 16.76
CA TYR A 49 -1.32 7.57 17.68
C TYR A 49 -2.14 6.40 18.23
N GLU A 50 -2.69 6.57 19.42
CA GLU A 50 -3.58 5.62 19.99
C GLU A 50 -4.98 6.22 20.01
N CYS A 51 -5.98 5.43 19.58
CA CYS A 51 -7.40 5.87 19.56
C CYS A 51 -8.19 5.53 20.85
N HIS A 52 -8.80 6.54 21.49
CA HIS A 52 -9.53 6.35 22.76
C HIS A 52 -10.99 6.86 22.74
N SER A 53 -11.75 6.69 23.82
CA SER A 53 -13.13 7.13 23.77
C SER A 53 -13.25 8.66 23.59
N GLN A 54 -14.48 9.13 23.27
CA GLN A 54 -14.77 10.57 23.12
C GLN A 54 -13.88 11.26 22.11
N GLY A 55 -13.48 10.50 21.08
CA GLY A 55 -12.70 11.07 19.99
C GLY A 55 -11.22 11.31 20.23
N GLU A 56 -10.73 11.02 21.43
CA GLU A 56 -9.33 11.31 21.73
C GLU A 56 -8.36 10.58 20.83
N ILE A 57 -7.34 11.29 20.41
CA ILE A 57 -6.29 10.72 19.59
C ILE A 57 -5.04 10.96 20.39
N ARG A 58 -4.63 9.94 21.13
CA ARG A 58 -3.52 10.12 22.02
C ARG A 58 -2.17 9.96 21.30
N LEU A 59 -1.43 11.07 21.18
CA LEU A 59 -0.07 11.08 20.60
C LEU A 59 0.92 10.20 21.37
N LEU A 60 1.64 9.36 20.64
CA LEU A 60 2.63 8.47 21.28
C LEU A 60 4.08 8.96 21.09
N GLN A 61 4.71 8.53 20.02
CA GLN A 61 6.14 8.78 19.83
C GLN A 61 6.43 8.75 18.33
N SER A 62 7.40 9.56 17.89
CA SER A 62 7.80 9.59 16.47
C SER A 62 9.17 8.95 16.29
N TYR A 63 9.42 8.41 15.09
CA TYR A 63 10.80 8.21 14.57
C TYR A 63 11.05 9.29 13.52
N VAL A 64 12.10 10.09 13.74
CA VAL A 64 12.52 11.17 12.83
C VAL A 64 13.86 10.86 12.12
N ASP A 65 13.84 10.65 10.82
CA ASP A 65 15.08 10.33 10.09
C ASP A 65 16.20 11.36 10.40
N ALA A 66 17.47 10.89 10.44
CA ALA A 66 18.65 11.75 10.69
C ALA A 66 18.81 12.85 9.62
N ASP A 67 18.57 12.47 8.36
CA ASP A 67 18.57 13.40 7.25
C ASP A 67 17.25 14.21 7.20
N ALA A 68 17.35 15.55 7.26
CA ALA A 68 16.19 16.45 7.17
C ALA A 68 15.56 16.46 5.75
N ASP A 69 16.34 15.96 4.79
CA ASP A 69 15.90 15.80 3.41
C ASP A 69 15.19 14.46 3.06
N GLU A 70 15.25 13.49 3.97
CA GLU A 70 14.37 12.31 3.86
C GLU A 70 12.90 12.72 3.80
N ASN A 71 12.14 12.02 3.00
CA ASN A 71 10.75 12.31 2.92
C ASN A 71 9.93 11.03 2.93
N PHE A 72 9.41 10.64 4.08
CA PHE A 72 8.66 9.39 4.10
C PHE A 72 7.34 9.48 3.35
N TYR A 73 7.10 8.45 2.54
CA TYR A 73 5.93 8.38 1.66
C TYR A 73 4.90 7.31 2.10
N THR A 74 5.36 6.27 2.76
CA THR A 74 4.52 5.12 2.96
C THR A 74 5.06 4.32 4.12
N CYS A 75 4.15 3.60 4.76
CA CYS A 75 4.51 2.67 5.83
C CYS A 75 3.66 1.40 5.71
N ALA A 76 4.08 0.33 6.38
CA ALA A 76 3.32 -0.93 6.37
C ALA A 76 3.65 -1.71 7.62
N TRP A 77 2.63 -2.31 8.24
CA TRP A 77 2.75 -3.05 9.49
C TRP A 77 2.94 -4.51 9.22
N THR A 78 3.77 -5.14 10.03
CA THR A 78 3.89 -6.57 10.07
C THR A 78 4.15 -6.98 11.53
N TYR A 79 4.52 -8.23 11.76
CA TYR A 79 5.00 -8.60 13.08
C TYR A 79 6.27 -9.41 12.94
N ASP A 80 6.99 -9.54 14.05
CA ASP A 80 8.15 -10.38 14.13
C ASP A 80 7.68 -11.82 14.20
N SER A 81 8.19 -12.65 13.28
CA SER A 81 7.68 -14.02 13.07
C SER A 81 7.98 -14.97 14.21
N ASN A 82 8.95 -14.64 15.07
CA ASN A 82 9.33 -15.41 16.27
C ASN A 82 8.69 -14.92 17.59
N THR A 83 8.52 -13.60 17.71
CA THR A 83 8.12 -12.96 18.96
C THR A 83 6.69 -12.39 18.88
N SER A 84 6.12 -12.30 17.68
CA SER A 84 4.81 -11.70 17.48
C SER A 84 4.73 -10.18 17.70
N HIS A 85 5.83 -9.55 18.11
CA HIS A 85 5.77 -8.13 18.32
C HIS A 85 5.61 -7.40 17.00
N PRO A 86 4.70 -6.40 16.94
CA PRO A 86 4.51 -5.64 15.71
C PRO A 86 5.77 -4.88 15.33
N LEU A 87 6.01 -4.77 14.02
CA LEU A 87 7.07 -3.98 13.41
C LEU A 87 6.40 -3.08 12.40
N LEU A 88 7.01 -1.92 12.17
CA LEU A 88 6.57 -0.97 11.17
C LEU A 88 7.68 -0.66 10.17
N ALA A 89 7.43 -0.91 8.88
CA ALA A 89 8.33 -0.54 7.83
C ALA A 89 7.94 0.83 7.23
N VAL A 90 8.93 1.69 7.06
CA VAL A 90 8.82 2.99 6.42
C VAL A 90 9.87 3.16 5.29
N ALA A 91 9.48 3.89 4.26
CA ALA A 91 10.36 4.24 3.16
C ALA A 91 9.86 5.52 2.48
N GLY A 92 10.69 6.16 1.67
CA GLY A 92 10.30 7.41 1.01
C GLY A 92 11.38 7.83 0.05
N SER A 93 11.61 9.15 -0.06
CA SER A 93 12.43 9.68 -1.16
C SER A 93 13.91 9.26 -1.23
N ARG A 94 14.51 8.93 -0.09
CA ARG A 94 15.89 8.42 -0.02
C ARG A 94 16.10 6.96 -0.50
N GLY A 95 15.01 6.25 -0.76
CA GLY A 95 15.08 4.88 -1.29
C GLY A 95 15.57 3.89 -0.25
N ILE A 96 15.37 4.22 1.02
CA ILE A 96 15.78 3.38 2.16
C ILE A 96 14.57 2.78 2.92
N ILE A 97 14.57 1.46 3.12
CA ILE A 97 13.53 0.81 3.90
C ILE A 97 13.99 0.72 5.35
N ARG A 98 13.15 1.20 6.24
CA ARG A 98 13.48 1.14 7.61
C ARG A 98 12.48 0.27 8.35
N ILE A 99 12.99 -0.66 9.17
CA ILE A 99 12.19 -1.51 10.01
C ILE A 99 12.27 -0.98 11.41
N ILE A 100 11.18 -0.36 11.86
CA ILE A 100 11.07 0.39 13.15
C ILE A 100 10.39 -0.51 14.20
N ASN A 101 10.90 -0.50 15.41
CA ASN A 101 10.21 -1.06 16.56
C ASN A 101 9.17 -0.01 17.02
N PRO A 102 7.88 -0.29 16.86
CA PRO A 102 6.89 0.77 17.20
C PRO A 102 6.82 1.10 18.71
N ILE A 103 7.26 0.15 19.53
CA ILE A 103 7.21 0.36 20.96
C ILE A 103 8.12 1.51 21.30
N THR A 104 9.39 1.41 20.90
CA THR A 104 10.47 2.34 21.30
C THR A 104 10.77 3.31 20.18
N MET A 105 10.39 2.94 18.97
CA MET A 105 10.61 3.69 17.75
C MET A 105 12.09 3.72 17.35
N GLN A 106 12.82 2.67 17.72
CA GLN A 106 14.18 2.48 17.26
C GLN A 106 14.15 1.93 15.87
N CYS A 107 15.07 2.38 15.02
CA CYS A 107 15.30 1.70 13.75
C CYS A 107 16.04 0.37 14.03
N ILE A 108 15.35 -0.76 13.95
CA ILE A 108 16.01 -2.07 14.14
C ILE A 108 17.02 -2.41 13.03
N LYS A 109 16.64 -2.17 11.77
CA LYS A 109 17.47 -2.46 10.58
C LYS A 109 16.94 -1.71 9.37
N HIS A 110 17.69 -1.69 8.28
CA HIS A 110 17.23 -1.01 7.08
C HIS A 110 17.79 -1.69 5.85
N TYR A 111 17.09 -1.54 4.72
CA TYR A 111 17.50 -2.15 3.44
C TYR A 111 17.78 -1.10 2.41
N VAL A 112 18.97 -1.12 1.84
CA VAL A 112 19.21 -0.23 0.72
C VAL A 112 19.24 -1.13 -0.49
N GLY A 113 19.04 -0.55 -1.65
CA GLY A 113 19.21 -1.31 -2.86
C GLY A 113 18.55 -0.53 -3.95
N HIS A 114 17.25 -0.21 -3.73
CA HIS A 114 16.46 0.60 -4.69
C HIS A 114 17.31 1.82 -5.02
N GLY A 115 17.95 2.40 -3.98
CA GLY A 115 18.73 3.65 -4.08
C GLY A 115 17.88 4.88 -4.37
N ASN A 116 16.77 4.67 -5.09
CA ASN A 116 15.87 5.72 -5.59
C ASN A 116 14.47 5.60 -4.97
N ALA A 117 13.68 6.68 -5.00
CA ALA A 117 12.54 6.81 -4.07
C ALA A 117 11.64 5.56 -4.05
N ILE A 118 11.23 5.15 -2.86
CA ILE A 118 10.23 4.11 -2.72
C ILE A 118 8.84 4.78 -2.56
N ASN A 119 7.92 4.47 -3.48
CA ASN A 119 6.55 5.02 -3.46
C ASN A 119 5.53 4.21 -2.67
N GLU A 120 5.69 2.90 -2.60
CA GLU A 120 4.83 2.13 -1.75
C GLU A 120 5.49 0.87 -1.20
N LEU A 121 5.04 0.46 0.01
CA LEU A 121 5.42 -0.81 0.62
C LEU A 121 4.16 -1.65 0.94
N LYS A 122 4.28 -2.98 0.73
CA LYS A 122 3.23 -3.94 1.10
C LYS A 122 3.82 -5.24 1.65
N PHE A 123 3.14 -5.81 2.63
CA PHE A 123 3.54 -7.09 3.15
C PHE A 123 2.67 -8.19 2.61
N HIS A 124 3.26 -9.35 2.37
CA HIS A 124 2.57 -10.56 1.92
C HIS A 124 1.40 -10.87 2.86
N PRO A 125 0.24 -11.27 2.33
CA PRO A 125 -0.92 -11.56 3.20
C PRO A 125 -0.81 -12.79 4.11
N ARG A 126 0.13 -13.70 3.83
CA ARG A 126 0.31 -14.95 4.61
C ARG A 126 1.72 -15.09 5.24
N ASP A 127 2.71 -14.36 4.74
CA ASP A 127 4.05 -14.45 5.27
C ASP A 127 4.46 -13.05 5.76
N PRO A 128 4.59 -12.90 7.08
CA PRO A 128 4.90 -11.59 7.68
C PRO A 128 6.31 -11.04 7.32
N ASN A 129 7.21 -11.90 6.86
CA ASN A 129 8.58 -11.51 6.48
C ASN A 129 8.78 -11.01 5.05
N LEU A 130 7.76 -11.15 4.20
CA LEU A 130 7.93 -10.84 2.78
C LEU A 130 7.38 -9.44 2.43
N LEU A 131 8.33 -8.52 2.23
CA LEU A 131 8.01 -7.12 2.00
C LEU A 131 8.27 -6.78 0.55
N LEU A 132 7.25 -6.22 -0.08
CA LEU A 132 7.33 -5.77 -1.44
C LEU A 132 7.51 -4.26 -1.43
N SER A 133 8.62 -3.79 -2.00
CA SER A 133 8.78 -2.33 -2.21
C SER A 133 8.63 -1.97 -3.69
N VAL A 134 7.99 -0.85 -3.97
CA VAL A 134 7.87 -0.39 -5.36
C VAL A 134 8.55 1.01 -5.49
N SER A 135 9.32 1.22 -6.56
CA SER A 135 10.22 2.37 -6.63
C SER A 135 10.10 3.33 -7.80
N LYS A 136 10.69 4.50 -7.59
CA LYS A 136 10.82 5.52 -8.61
C LYS A 136 11.79 5.04 -9.70
N ASP A 137 12.49 3.94 -9.46
CA ASP A 137 13.51 3.48 -10.40
C ASP A 137 12.97 2.46 -11.35
N HIS A 138 11.64 2.32 -11.38
CA HIS A 138 10.89 1.47 -12.31
C HIS A 138 10.79 0.00 -11.83
N ALA A 139 11.39 -0.35 -10.71
CA ALA A 139 11.29 -1.76 -10.33
C ALA A 139 10.50 -1.98 -9.04
N LEU A 140 10.05 -3.21 -8.89
CA LEU A 140 9.60 -3.75 -7.62
C LEU A 140 10.69 -4.66 -7.03
N ARG A 141 10.84 -4.66 -5.73
CA ARG A 141 11.71 -5.64 -5.14
C ARG A 141 10.92 -6.40 -4.08
N LEU A 142 11.16 -7.71 -3.98
CA LEU A 142 10.63 -8.54 -2.90
C LEU A 142 11.74 -8.84 -1.88
N TRP A 143 11.54 -8.50 -0.60
CA TRP A 143 12.53 -8.73 0.47
C TRP A 143 12.07 -9.77 1.52
N ASN A 144 13.03 -10.46 2.12
CA ASN A 144 12.72 -11.39 3.22
C ASN A 144 13.41 -10.77 4.44
N ILE A 145 12.60 -10.09 5.25
CA ILE A 145 13.14 -9.35 6.38
C ILE A 145 13.41 -10.25 7.58
N GLN A 146 13.33 -11.56 7.39
CA GLN A 146 13.81 -12.48 8.40
C GLN A 146 15.30 -12.74 8.19
N THR A 147 15.72 -13.02 6.96
CA THR A 147 17.12 -13.36 6.66
C THR A 147 17.84 -12.21 5.96
N ASP A 148 17.13 -11.07 5.82
CA ASP A 148 17.68 -9.81 5.35
C ASP A 148 18.23 -9.99 3.93
N THR A 149 17.44 -10.67 3.09
CA THR A 149 17.80 -10.99 1.70
C THR A 149 16.85 -10.33 0.68
N LEU A 150 17.41 -9.94 -0.45
CA LEU A 150 16.64 -9.44 -1.57
C LEU A 150 16.26 -10.63 -2.48
N VAL A 151 15.01 -11.08 -2.37
CA VAL A 151 14.58 -12.31 -3.06
C VAL A 151 14.49 -12.13 -4.59
N ALA A 152 13.98 -10.97 -5.03
CA ALA A 152 13.76 -10.75 -6.43
C ALA A 152 13.57 -9.25 -6.78
N ILE A 153 13.82 -8.94 -8.07
CA ILE A 153 13.64 -7.65 -8.71
C ILE A 153 12.71 -7.88 -9.88
N PHE A 154 11.63 -7.12 -9.94
CA PHE A 154 10.68 -7.23 -11.04
C PHE A 154 10.86 -6.00 -11.88
N GLY A 155 11.55 -6.16 -13.01
CA GLY A 155 11.90 -4.99 -13.81
C GLY A 155 12.09 -5.32 -15.26
N GLY A 156 13.15 -4.76 -15.87
CA GLY A 156 13.53 -5.07 -17.24
C GLY A 156 12.78 -4.17 -18.17
N VAL A 157 12.95 -4.35 -19.49
CA VAL A 157 12.28 -3.44 -20.46
C VAL A 157 10.82 -3.73 -20.64
N GLU A 158 10.45 -4.99 -20.42
CA GLU A 158 9.05 -5.38 -20.43
C GLU A 158 8.37 -5.11 -19.09
N GLY A 159 9.15 -4.78 -18.07
CA GLY A 159 8.58 -4.29 -16.84
C GLY A 159 8.13 -2.85 -17.04
N HIS A 160 7.89 -2.15 -15.94
CA HIS A 160 7.51 -0.74 -16.01
C HIS A 160 8.62 0.13 -16.65
N ARG A 161 8.17 1.12 -17.41
CA ARG A 161 9.06 2.01 -18.17
C ARG A 161 9.06 3.45 -17.57
N ASP A 162 8.67 3.54 -16.30
CA ASP A 162 8.56 4.78 -15.55
C ASP A 162 8.27 4.41 -14.08
N GLU A 163 8.24 5.39 -13.17
CA GLU A 163 8.07 5.15 -11.72
C GLU A 163 6.94 4.20 -11.41
N VAL A 164 7.14 3.31 -10.46
CA VAL A 164 6.01 2.50 -9.94
C VAL A 164 5.35 3.20 -8.72
N LEU A 165 4.02 3.26 -8.71
CA LEU A 165 3.32 4.04 -7.69
C LEU A 165 2.65 3.17 -6.65
N SER A 166 2.23 1.98 -7.04
CA SER A 166 1.38 1.19 -6.14
C SER A 166 1.47 -0.24 -6.57
N ALA A 167 1.16 -1.17 -5.67
CA ALA A 167 1.15 -2.62 -6.01
C ALA A 167 0.41 -3.35 -4.93
N ASP A 168 0.07 -4.60 -5.19
CA ASP A 168 -0.77 -5.31 -4.25
C ASP A 168 -0.73 -6.83 -4.46
N TYR A 169 -0.59 -7.54 -3.35
CA TYR A 169 -0.72 -8.98 -3.42
C TYR A 169 -2.23 -9.35 -3.55
N ASP A 170 -2.51 -10.49 -4.22
CA ASP A 170 -3.84 -11.09 -4.18
C ASP A 170 -4.14 -11.75 -2.84
N LEU A 171 -5.31 -12.34 -2.68
CA LEU A 171 -5.68 -12.95 -1.38
C LEU A 171 -4.61 -13.86 -0.75
N LEU A 172 -3.98 -14.73 -1.54
CA LEU A 172 -3.05 -15.69 -0.97
C LEU A 172 -1.60 -15.36 -1.22
N GLY A 173 -1.31 -14.15 -1.68
CA GLY A 173 0.08 -13.82 -2.06
C GLY A 173 0.67 -14.69 -3.16
N GLU A 174 -0.16 -15.15 -4.09
CA GLU A 174 0.32 -15.90 -5.22
C GLU A 174 0.76 -15.04 -6.40
N LYS A 175 0.28 -13.80 -6.45
CA LYS A 175 0.57 -12.95 -7.59
C LYS A 175 0.49 -11.48 -7.14
N ILE A 176 1.16 -10.60 -7.85
CA ILE A 176 1.25 -9.21 -7.50
C ILE A 176 0.65 -8.44 -8.68
N MET A 177 -0.09 -7.36 -8.43
CA MET A 177 -0.41 -6.41 -9.49
C MET A 177 0.23 -5.06 -9.17
N SER A 178 1.06 -4.58 -10.07
CA SER A 178 1.71 -3.24 -9.95
C SER A 178 1.10 -2.22 -10.96
N CYS A 179 1.28 -0.93 -10.70
CA CYS A 179 0.85 0.12 -11.62
C CYS A 179 1.71 1.34 -11.39
N GLY A 180 1.76 2.24 -12.37
CA GLY A 180 2.57 3.45 -12.22
C GLY A 180 2.42 4.50 -13.32
N MET A 181 3.46 5.34 -13.45
CA MET A 181 3.45 6.47 -14.35
C MET A 181 3.51 6.15 -15.82
N ASP A 182 3.77 4.90 -16.17
CA ASP A 182 3.69 4.52 -17.58
C ASP A 182 2.26 4.19 -18.07
N HIS A 183 1.25 4.41 -17.21
CA HIS A 183 -0.20 4.18 -17.49
C HIS A 183 -0.55 2.71 -17.42
N SER A 184 0.41 1.85 -17.11
CA SER A 184 0.13 0.41 -17.15
C SER A 184 -0.09 -0.29 -15.79
N LEU A 185 -0.78 -1.44 -15.83
CA LEU A 185 -0.89 -2.41 -14.73
C LEU A 185 -0.22 -3.70 -15.17
N LYS A 186 0.66 -4.26 -14.36
CA LYS A 186 1.34 -5.49 -14.71
C LYS A 186 1.16 -6.53 -13.65
N LEU A 187 0.93 -7.76 -14.09
CA LEU A 187 0.79 -8.86 -13.18
C LEU A 187 2.11 -9.59 -13.11
N TRP A 188 2.41 -10.10 -11.93
CA TRP A 188 3.62 -10.83 -11.75
C TRP A 188 3.26 -11.98 -10.86
N ARG A 189 3.40 -13.19 -11.36
CA ARG A 189 3.13 -14.37 -10.55
C ARG A 189 4.31 -14.66 -9.60
N ILE A 190 4.01 -14.88 -8.33
CA ILE A 190 5.03 -15.30 -7.40
C ILE A 190 4.82 -16.74 -6.89
N ASN A 191 3.83 -17.43 -7.45
CA ASN A 191 3.73 -18.87 -7.26
C ASN A 191 4.41 -19.80 -8.29
N SER A 192 5.24 -19.26 -9.19
CA SER A 192 5.98 -20.11 -10.14
C SER A 192 6.91 -21.04 -9.39
N LYS A 193 7.45 -22.07 -10.04
CA LYS A 193 8.40 -22.99 -9.37
C LYS A 193 9.63 -22.18 -8.94
N ARG A 194 10.21 -21.46 -9.92
CA ARG A 194 11.28 -20.49 -9.69
C ARG A 194 11.03 -19.63 -8.39
N MET A 195 10.00 -18.79 -8.37
CA MET A 195 9.74 -17.96 -7.19
C MET A 195 9.42 -18.69 -5.86
N MET A 196 8.71 -19.80 -5.87
CA MET A 196 8.50 -20.54 -4.63
C MET A 196 9.84 -21.04 -4.06
N ASN A 197 10.67 -21.50 -4.96
CA ASN A 197 12.00 -21.98 -4.65
C ASN A 197 12.97 -20.86 -4.20
N ALA A 198 12.92 -19.70 -4.85
CA ALA A 198 13.74 -18.56 -4.44
C ALA A 198 13.36 -18.19 -2.99
N ILE A 199 12.05 -18.11 -2.73
CA ILE A 199 11.58 -17.83 -1.37
C ILE A 199 12.12 -18.85 -0.37
N LYS A 200 12.04 -20.14 -0.74
CA LYS A 200 12.56 -21.19 0.15
C LYS A 200 14.05 -20.98 0.38
N GLU A 201 14.77 -20.61 -0.68
CA GLU A 201 16.20 -20.47 -0.62
C GLU A 201 16.55 -19.27 0.24
N SER A 202 15.66 -18.26 0.25
CA SER A 202 15.91 -17.05 1.04
C SER A 202 15.80 -17.33 2.52
N TYR A 203 14.96 -18.30 2.88
CA TYR A 203 14.82 -18.72 4.28
C TYR A 203 16.00 -19.57 4.75
N ASP A 204 16.60 -20.33 3.80
CA ASP A 204 17.81 -21.13 4.09
C ASP A 204 19.11 -20.32 4.12
N TYR A 205 19.07 -19.03 3.83
CA TYR A 205 20.28 -18.23 3.72
C TYR A 205 20.75 -17.60 5.03
N ASN A 206 21.97 -17.94 5.42
CA ASN A 206 22.62 -17.44 6.64
C ASN A 206 24.06 -17.07 6.32
N PRO A 207 24.37 -15.76 6.21
CA PRO A 207 25.67 -15.36 5.69
C PRO A 207 26.82 -15.78 6.59
N ASN A 208 26.51 -16.23 7.81
CA ASN A 208 27.55 -16.67 8.76
C ASN A 208 27.88 -18.12 8.59
N LYS A 209 27.03 -18.83 7.88
CA LYS A 209 27.18 -20.26 7.78
C LYS A 209 27.53 -20.64 6.34
N THR A 210 27.92 -19.63 5.56
CA THR A 210 28.27 -19.79 4.14
C THR A 210 29.20 -18.70 3.60
N ASN A 211 29.59 -18.86 2.32
CA ASN A 211 30.49 -17.94 1.57
C ASN A 211 29.84 -17.13 0.43
N ARG A 212 28.75 -17.64 -0.13
CA ARG A 212 28.05 -16.99 -1.24
C ARG A 212 27.23 -15.75 -0.82
N PRO A 213 27.06 -14.82 -1.78
CA PRO A 213 26.02 -13.83 -1.56
C PRO A 213 24.67 -14.50 -1.86
N PHE A 214 23.57 -13.96 -1.34
CA PHE A 214 22.29 -14.49 -1.77
C PHE A 214 21.98 -14.01 -3.21
N ILE A 215 21.78 -14.92 -4.16
CA ILE A 215 21.38 -14.48 -5.51
C ILE A 215 19.89 -14.08 -5.62
N SER A 216 19.64 -12.85 -6.05
CA SER A 216 18.28 -12.40 -6.28
C SER A 216 17.83 -12.94 -7.64
N GLN A 217 16.54 -13.27 -7.77
CA GLN A 217 15.89 -13.47 -9.06
C GLN A 217 15.71 -12.16 -9.79
N LYS A 218 16.14 -12.09 -11.05
CA LYS A 218 15.69 -11.00 -11.93
C LYS A 218 14.51 -11.50 -12.73
N ILE A 219 13.35 -10.89 -12.51
CA ILE A 219 12.15 -11.15 -13.25
C ILE A 219 11.87 -10.00 -14.19
N HIS A 220 12.00 -10.25 -15.48
CA HIS A 220 11.90 -9.21 -16.52
C HIS A 220 10.63 -9.31 -17.39
N PHE A 221 9.67 -10.16 -17.04
CA PHE A 221 8.52 -10.45 -17.89
C PHE A 221 7.24 -10.60 -17.07
N PRO A 222 6.34 -9.61 -17.18
CA PRO A 222 5.12 -9.70 -16.40
C PRO A 222 4.30 -10.82 -16.98
N ASP A 223 3.48 -11.45 -16.15
CA ASP A 223 2.58 -12.48 -16.63
C ASP A 223 1.30 -11.90 -17.28
N PHE A 224 1.13 -10.59 -17.20
CA PHE A 224 0.12 -9.85 -17.97
C PHE A 224 0.44 -8.36 -17.87
N SER A 225 -0.01 -7.59 -18.88
CA SER A 225 0.16 -6.14 -18.90
C SER A 225 -0.96 -5.41 -19.68
N THR A 226 -1.26 -4.19 -19.28
CA THR A 226 -2.29 -3.40 -19.96
C THR A 226 -2.19 -1.90 -19.68
N ARG A 227 -2.55 -1.09 -20.69
CA ARG A 227 -2.54 0.37 -20.65
C ARG A 227 -3.90 0.88 -21.16
N ASP A 228 -4.86 -0.05 -21.12
CA ASP A 228 -6.19 0.13 -21.60
C ASP A 228 -7.20 0.56 -20.57
N ILE A 229 -6.79 0.73 -19.32
CA ILE A 229 -7.75 1.04 -18.26
C ILE A 229 -7.83 2.54 -18.06
N HIS A 230 -6.67 3.15 -17.79
CA HIS A 230 -6.60 4.58 -17.55
C HIS A 230 -5.82 5.24 -18.73
N ARG A 231 -5.83 6.57 -18.77
CA ARG A 231 -5.06 7.33 -19.76
C ARG A 231 -4.10 8.29 -19.05
N ASN A 232 -3.70 7.90 -17.84
CA ASN A 232 -2.74 8.67 -17.03
C ASN A 232 -2.09 7.80 -15.95
N TYR A 233 -1.12 8.36 -15.24
CA TYR A 233 -0.53 7.71 -14.07
C TYR A 233 -1.54 6.91 -13.26
N VAL A 234 -1.30 5.61 -13.13
CA VAL A 234 -2.15 4.77 -12.33
C VAL A 234 -1.59 4.73 -10.89
N ASP A 235 -2.24 5.44 -9.98
CA ASP A 235 -1.62 5.70 -8.66
C ASP A 235 -2.09 4.84 -7.47
N CYS A 236 -2.93 3.86 -7.75
CA CYS A 236 -3.40 3.02 -6.67
C CYS A 236 -3.99 1.79 -7.27
N VAL A 237 -3.77 0.64 -6.63
CA VAL A 237 -4.18 -0.67 -7.16
C VAL A 237 -4.45 -1.60 -5.99
N ARG A 238 -5.49 -2.42 -6.15
CA ARG A 238 -5.95 -3.30 -5.09
C ARG A 238 -6.73 -4.48 -5.70
N TRP A 239 -6.42 -5.70 -5.27
CA TRP A 239 -7.16 -6.84 -5.75
C TRP A 239 -8.52 -6.85 -5.06
N LEU A 240 -9.57 -7.21 -5.78
CA LEU A 240 -10.85 -7.61 -5.15
C LEU A 240 -11.17 -9.05 -5.52
N GLY A 241 -10.59 -10.02 -4.83
CA GLY A 241 -10.74 -11.40 -5.26
C GLY A 241 -9.90 -11.61 -6.50
N ASP A 242 -10.52 -12.14 -7.57
CA ASP A 242 -9.87 -12.24 -8.87
C ASP A 242 -10.00 -10.97 -9.74
N LEU A 243 -10.65 -9.91 -9.22
CA LEU A 243 -10.84 -8.65 -9.94
C LEU A 243 -9.86 -7.55 -9.49
N ILE A 244 -9.79 -6.44 -10.22
CA ILE A 244 -8.85 -5.36 -9.85
C ILE A 244 -9.57 -4.06 -9.63
N LEU A 245 -9.11 -3.29 -8.66
CA LEU A 245 -9.63 -1.98 -8.44
C LEU A 245 -8.46 -1.04 -8.58
N SER A 246 -8.50 -0.15 -9.55
CA SER A 246 -7.42 0.80 -9.75
C SER A 246 -7.90 2.15 -10.20
N LYS A 247 -7.01 3.13 -10.01
CA LYS A 247 -7.34 4.51 -10.31
C LYS A 247 -6.16 5.21 -10.89
N SER A 248 -6.46 6.30 -11.61
CA SER A 248 -5.51 7.33 -12.02
C SER A 248 -6.04 8.67 -11.51
N CYS A 249 -5.64 9.76 -12.15
CA CYS A 249 -6.08 11.10 -11.75
C CYS A 249 -7.24 11.54 -12.66
N GLU A 250 -8.16 10.62 -12.95
CA GLU A 250 -9.29 10.94 -13.84
C GLU A 250 -10.61 10.84 -13.09
N ASN A 251 -10.58 10.90 -11.76
CA ASN A 251 -11.82 10.89 -10.99
C ASN A 251 -12.63 9.57 -11.14
N ALA A 252 -11.92 8.45 -11.17
CA ALA A 252 -12.57 7.16 -11.40
C ALA A 252 -11.73 6.03 -10.85
N ILE A 253 -12.40 5.17 -10.10
CA ILE A 253 -11.84 3.86 -9.75
C ILE A 253 -12.48 2.84 -10.68
N VAL A 254 -11.66 2.11 -11.44
CA VAL A 254 -12.22 1.15 -12.40
C VAL A 254 -12.10 -0.22 -11.76
N CYS A 255 -13.14 -1.03 -11.90
CA CYS A 255 -13.08 -2.42 -11.49
C CYS A 255 -13.08 -3.22 -12.79
N TRP A 256 -12.13 -4.13 -12.90
CA TRP A 256 -11.81 -4.78 -14.16
C TRP A 256 -11.03 -6.09 -13.91
N LYS A 257 -10.89 -6.87 -14.97
CA LYS A 257 -10.14 -8.10 -14.92
C LYS A 257 -9.39 -8.26 -16.25
N PRO A 258 -8.26 -8.99 -16.21
CA PRO A 258 -7.60 -9.31 -17.47
C PRO A 258 -8.44 -10.29 -18.29
N GLY A 259 -8.28 -10.26 -19.62
CA GLY A 259 -8.93 -11.18 -20.52
C GLY A 259 -10.42 -10.96 -20.70
N LYS A 260 -11.11 -11.94 -21.26
CA LYS A 260 -12.53 -11.80 -21.49
C LYS A 260 -13.26 -12.05 -20.19
N MET A 261 -14.59 -11.97 -20.24
CA MET A 261 -15.43 -12.07 -19.06
C MET A 261 -15.30 -13.41 -18.36
N GLU A 262 -15.22 -14.49 -19.12
CA GLU A 262 -15.26 -15.81 -18.51
C GLU A 262 -13.88 -16.50 -18.29
N ASP A 263 -12.83 -15.76 -18.64
CA ASP A 263 -11.44 -16.17 -18.50
C ASP A 263 -11.01 -16.23 -17.04
N ASP A 264 -10.37 -17.35 -16.69
CA ASP A 264 -9.77 -17.61 -15.36
C ASP A 264 -8.49 -16.81 -15.20
N ILE A 265 -8.33 -16.14 -14.06
CA ILE A 265 -7.12 -15.35 -13.80
C ILE A 265 -5.84 -16.23 -13.90
N ASP A 266 -5.92 -17.48 -13.42
CA ASP A 266 -4.76 -18.39 -13.52
C ASP A 266 -4.52 -19.02 -14.91
N LYS A 267 -5.42 -18.79 -15.87
CA LYS A 267 -5.18 -19.26 -17.25
C LYS A 267 -4.72 -18.16 -18.24
N ILE A 268 -4.32 -17.01 -17.68
CA ILE A 268 -3.89 -15.83 -18.44
C ILE A 268 -2.39 -15.90 -18.86
N LYS A 269 -2.24 -16.06 -20.17
CA LYS A 269 -0.94 -16.05 -20.85
C LYS A 269 -0.48 -14.60 -20.90
N PRO A 270 0.85 -14.36 -20.89
CA PRO A 270 1.47 -13.01 -21.00
C PRO A 270 1.01 -12.14 -22.20
N SER A 271 0.54 -12.80 -23.24
CA SER A 271 0.18 -12.16 -24.50
C SER A 271 -1.25 -11.58 -24.53
N GLU A 272 -2.05 -11.96 -23.53
CA GLU A 272 -3.44 -11.48 -23.38
C GLU A 272 -3.60 -9.97 -23.67
N SER A 273 -4.42 -9.69 -24.67
CA SER A 273 -4.62 -8.31 -25.09
C SER A 273 -5.98 -7.71 -24.70
N ASN A 274 -6.83 -8.51 -24.07
CA ASN A 274 -8.15 -8.06 -23.63
C ASN A 274 -8.26 -7.72 -22.15
N VAL A 275 -9.20 -6.83 -21.82
CA VAL A 275 -9.62 -6.58 -20.47
C VAL A 275 -11.11 -6.51 -20.44
N THR A 276 -11.68 -6.79 -19.27
CA THR A 276 -13.13 -6.63 -19.08
C THR A 276 -13.37 -5.57 -17.99
N ILE A 277 -14.19 -4.56 -18.29
CA ILE A 277 -14.56 -3.52 -17.33
C ILE A 277 -15.89 -3.88 -16.65
N LEU A 278 -15.91 -3.95 -15.33
CA LEU A 278 -17.04 -4.48 -14.61
C LEU A 278 -17.76 -3.40 -13.86
N GLY A 279 -17.26 -2.16 -13.97
CA GLY A 279 -17.88 -1.05 -13.25
C GLY A 279 -16.88 0.05 -13.04
N ARG A 280 -17.36 1.22 -12.63
CA ARG A 280 -16.51 2.39 -12.43
C ARG A 280 -17.14 3.30 -11.42
N PHE A 281 -16.37 3.67 -10.41
CA PHE A 281 -16.86 4.52 -9.35
C PHE A 281 -16.30 5.93 -9.59
N ASP A 282 -17.18 6.85 -9.93
CA ASP A 282 -16.77 8.18 -10.28
C ASP A 282 -16.90 9.07 -9.06
N TYR A 283 -16.12 10.13 -9.02
CA TYR A 283 -16.18 11.06 -7.92
C TYR A 283 -15.65 12.40 -8.45
N SER A 284 -15.32 13.35 -7.59
CA SER A 284 -15.00 14.70 -8.05
C SER A 284 -13.77 15.32 -7.39
N GLN A 285 -13.08 16.16 -8.15
CA GLN A 285 -12.01 16.97 -7.60
C GLN A 285 -10.90 16.05 -7.03
N CYS A 286 -10.46 15.13 -7.88
CA CYS A 286 -9.34 14.27 -7.57
C CYS A 286 -8.46 14.08 -8.81
N ASP A 287 -7.92 15.19 -9.36
CA ASP A 287 -7.03 15.14 -10.53
C ASP A 287 -5.56 15.30 -10.21
N ILE A 288 -5.24 15.31 -8.93
CA ILE A 288 -3.84 15.34 -8.57
C ILE A 288 -3.30 13.88 -8.46
N TRP A 289 -1.99 13.74 -8.63
CA TRP A 289 -1.31 12.46 -8.59
C TRP A 289 -1.09 12.06 -7.13
N TYR A 290 -1.13 10.75 -6.89
CA TYR A 290 -0.81 10.14 -5.58
C TYR A 290 -1.87 10.45 -4.52
N MET A 291 -3.08 9.98 -4.84
CA MET A 291 -4.25 9.99 -3.99
C MET A 291 -4.64 8.53 -3.94
N ARG A 292 -4.52 7.90 -2.77
CA ARG A 292 -4.74 6.48 -2.65
C ARG A 292 -5.95 6.11 -1.81
N PHE A 293 -6.74 5.19 -2.32
CA PHE A 293 -7.86 4.64 -1.59
C PHE A 293 -7.37 3.47 -0.74
N SER A 294 -8.15 3.10 0.26
CA SER A 294 -7.83 1.93 1.05
C SER A 294 -9.11 1.14 1.26
N MET A 295 -9.02 -0.15 1.61
CA MET A 295 -10.20 -0.92 2.07
C MET A 295 -10.10 -1.39 3.52
N ASP A 296 -11.22 -1.84 4.06
CA ASP A 296 -11.23 -2.39 5.42
C ASP A 296 -10.68 -3.82 5.28
N PHE A 297 -10.50 -4.49 6.44
CA PHE A 297 -9.95 -5.82 6.47
C PHE A 297 -10.78 -6.86 5.67
N TRP A 298 -12.11 -6.78 5.73
CA TRP A 298 -12.93 -7.79 5.08
C TRP A 298 -13.17 -7.51 3.63
N GLN A 299 -12.76 -6.33 3.17
CA GLN A 299 -13.00 -5.81 1.81
C GLN A 299 -14.47 -5.62 1.51
N LYS A 300 -15.19 -5.03 2.49
CA LYS A 300 -16.61 -4.74 2.34
C LYS A 300 -16.78 -3.32 1.82
N MET A 301 -15.76 -2.51 2.09
CA MET A 301 -15.89 -1.13 1.77
C MET A 301 -14.59 -0.56 1.32
N LEU A 302 -14.69 0.58 0.63
CA LEU A 302 -13.58 1.26 -0.01
C LEU A 302 -13.70 2.75 0.32
N ALA A 303 -12.60 3.38 0.72
CA ALA A 303 -12.61 4.80 0.99
C ALA A 303 -11.51 5.52 0.22
N LEU A 304 -11.86 6.68 -0.32
CA LEU A 304 -10.96 7.60 -1.03
C LEU A 304 -11.38 8.98 -0.64
N GLY A 305 -10.43 9.85 -0.28
CA GLY A 305 -10.73 11.27 -0.15
C GLY A 305 -10.26 12.00 -1.40
N ASN A 306 -10.79 13.19 -1.64
CA ASN A 306 -10.36 14.01 -2.79
C ASN A 306 -9.47 15.24 -2.44
N GLN A 307 -9.17 16.10 -3.42
CA GLN A 307 -8.20 17.20 -3.21
C GLN A 307 -8.79 18.38 -2.42
N VAL A 308 -10.06 18.31 -2.03
CA VAL A 308 -10.70 19.39 -1.26
C VAL A 308 -11.38 18.87 0.04
N GLY A 309 -10.88 17.72 0.53
CA GLY A 309 -11.29 17.18 1.85
C GLY A 309 -12.61 16.43 1.97
N LYS A 310 -13.18 16.06 0.83
CA LYS A 310 -14.36 15.23 0.82
C LYS A 310 -13.95 13.76 0.87
N LEU A 311 -14.65 12.99 1.69
CA LEU A 311 -14.47 11.54 1.71
C LEU A 311 -15.58 10.81 0.94
N TYR A 312 -15.17 9.79 0.19
CA TYR A 312 -16.10 8.91 -0.51
C TYR A 312 -15.92 7.49 0.01
N VAL A 313 -17.02 6.87 0.44
CA VAL A 313 -17.02 5.50 0.98
C VAL A 313 -17.97 4.62 0.15
N TRP A 314 -17.46 3.47 -0.32
CA TRP A 314 -18.29 2.55 -1.10
C TRP A 314 -18.50 1.23 -0.35
N ASP A 315 -19.78 0.85 -0.31
CA ASP A 315 -20.25 -0.37 0.28
C ASP A 315 -20.25 -1.38 -0.86
N LEU A 316 -19.31 -2.32 -0.81
CA LEU A 316 -19.07 -3.28 -1.87
C LEU A 316 -19.75 -4.61 -1.60
N GLU A 317 -20.57 -4.62 -0.55
CA GLU A 317 -21.30 -5.76 -0.09
C GLU A 317 -22.59 -5.91 -0.94
N VAL A 318 -22.41 -6.15 -2.24
CA VAL A 318 -23.55 -6.20 -3.19
C VAL A 318 -23.26 -7.27 -4.25
N GLU A 319 -24.23 -7.80 -4.96
CA GLU A 319 -23.91 -8.94 -5.82
C GLU A 319 -22.84 -8.71 -6.89
N ASP A 320 -22.86 -7.54 -7.55
CA ASP A 320 -21.94 -7.27 -8.67
C ASP A 320 -21.13 -6.01 -8.40
N PRO A 321 -19.93 -5.90 -8.98
CA PRO A 321 -19.11 -4.71 -8.59
C PRO A 321 -19.76 -3.33 -8.88
N HIS A 322 -20.48 -3.21 -10.00
CA HIS A 322 -21.12 -1.94 -10.37
C HIS A 322 -22.31 -1.51 -9.51
N LYS A 323 -22.84 -2.41 -8.69
CA LYS A 323 -23.95 -2.00 -7.84
C LYS A 323 -23.53 -1.43 -6.49
N ALA A 324 -22.29 -0.94 -6.39
CA ALA A 324 -21.72 -0.44 -5.12
C ALA A 324 -22.47 0.81 -4.66
N LYS A 325 -22.60 1.00 -3.35
CA LYS A 325 -23.36 2.08 -2.79
C LYS A 325 -22.44 3.14 -2.13
N CYS A 326 -22.52 4.36 -2.64
CA CYS A 326 -21.63 5.41 -2.21
C CYS A 326 -22.27 6.31 -1.14
N THR A 327 -21.49 6.64 -0.10
CA THR A 327 -21.88 7.75 0.80
C THR A 327 -20.70 8.71 0.92
N THR A 328 -20.97 9.98 1.25
CA THR A 328 -19.88 10.96 1.32
C THR A 328 -19.74 11.59 2.71
N LEU A 329 -18.50 11.79 3.10
CA LEU A 329 -18.18 12.38 4.40
C LEU A 329 -17.45 13.73 4.26
N THR A 330 -18.17 14.81 4.57
CA THR A 330 -17.56 16.14 4.60
C THR A 330 -17.66 16.78 5.98
N HIS A 331 -16.71 17.68 6.24
CA HIS A 331 -16.68 18.53 7.44
C HIS A 331 -16.34 19.91 6.96
N HIS A 332 -16.91 20.93 7.61
CA HIS A 332 -16.70 22.31 7.17
C HIS A 332 -15.25 22.82 7.31
N LYS A 333 -14.47 22.22 8.21
CA LYS A 333 -13.05 22.63 8.43
C LYS A 333 -12.02 21.79 7.66
N CYS A 334 -12.46 20.64 7.14
CA CYS A 334 -11.60 19.76 6.35
C CYS A 334 -11.64 20.19 4.87
N GLY A 335 -10.66 21.00 4.47
CA GLY A 335 -10.60 21.52 3.10
C GLY A 335 -9.35 21.17 2.32
N ALA A 336 -8.41 20.45 2.94
CA ALA A 336 -7.11 20.13 2.33
C ALA A 336 -7.21 18.82 1.60
N ALA A 337 -6.33 18.59 0.63
CA ALA A 337 -6.28 17.32 -0.12
C ALA A 337 -6.10 16.14 0.82
N ILE A 338 -6.86 15.07 0.68
CA ILE A 338 -6.61 13.86 1.50
C ILE A 338 -5.83 12.85 0.68
N ARG A 339 -4.67 12.45 1.20
CA ARG A 339 -3.72 11.60 0.45
C ARG A 339 -3.97 10.11 0.66
N GLN A 340 -4.51 9.76 1.82
CA GLN A 340 -4.77 8.37 2.13
C GLN A 340 -5.78 8.25 3.25
N THR A 341 -6.48 7.11 3.31
CA THR A 341 -7.40 6.75 4.39
C THR A 341 -6.96 5.41 5.02
N SER A 342 -7.37 5.11 6.25
CA SER A 342 -7.12 3.79 6.83
C SER A 342 -8.27 3.45 7.78
N PHE A 343 -8.80 2.23 7.64
CA PHE A 343 -9.86 1.70 8.53
C PHE A 343 -9.20 0.93 9.62
N SER A 344 -9.73 0.99 10.84
CA SER A 344 -9.27 0.03 11.85
C SER A 344 -9.65 -1.42 11.44
N ARG A 345 -9.02 -2.40 12.09
CA ARG A 345 -9.31 -3.79 11.77
C ARG A 345 -10.80 -4.12 11.94
N ASP A 346 -11.42 -3.58 12.99
CA ASP A 346 -12.83 -3.85 13.29
C ASP A 346 -13.84 -2.97 12.54
N SER A 347 -13.30 -2.04 11.72
CA SER A 347 -14.06 -1.06 10.90
C SER A 347 -14.75 0.10 11.66
N SER A 348 -14.53 0.20 12.97
CA SER A 348 -15.24 1.22 13.79
C SER A 348 -14.71 2.62 13.56
N ILE A 349 -13.44 2.73 13.17
CA ILE A 349 -12.78 4.01 12.86
C ILE A 349 -12.22 4.13 11.44
N LEU A 350 -12.38 5.30 10.84
CA LEU A 350 -11.71 5.60 9.58
C LEU A 350 -10.85 6.85 9.79
N ILE A 351 -9.56 6.80 9.44
CA ILE A 351 -8.72 7.99 9.50
C ILE A 351 -8.43 8.53 8.10
N ALA A 352 -8.57 9.84 7.90
CA ALA A 352 -8.04 10.53 6.70
C ALA A 352 -6.84 11.45 7.05
N VAL A 353 -5.85 11.52 6.16
CA VAL A 353 -4.74 12.45 6.44
C VAL A 353 -4.52 13.39 5.26
N CYS A 354 -4.03 14.60 5.49
CA CYS A 354 -4.10 15.64 4.45
C CYS A 354 -2.79 16.31 4.12
N ASP A 355 -2.74 17.00 2.98
CA ASP A 355 -1.58 17.81 2.56
C ASP A 355 -1.18 18.90 3.53
N ASP A 356 -2.10 19.27 4.42
CA ASP A 356 -1.78 20.33 5.38
C ASP A 356 -1.29 19.80 6.74
N ALA A 357 -0.99 18.50 6.79
CA ALA A 357 -0.52 17.80 8.00
C ALA A 357 -1.62 17.54 9.05
N SER A 358 -2.87 17.70 8.64
CA SER A 358 -4.00 17.44 9.53
C SER A 358 -4.40 15.98 9.42
N ILE A 359 -5.15 15.54 10.42
CA ILE A 359 -5.56 14.16 10.60
C ILE A 359 -6.99 14.27 11.02
N TRP A 360 -7.85 13.47 10.40
CA TRP A 360 -9.27 13.51 10.66
C TRP A 360 -9.74 12.15 11.15
N ARG A 361 -10.52 12.14 12.23
CA ARG A 361 -10.98 10.85 12.78
C ARG A 361 -12.49 10.70 12.66
N TRP A 362 -12.88 9.64 11.96
CA TRP A 362 -14.30 9.35 11.68
C TRP A 362 -14.66 8.05 12.38
N ASP A 363 -15.65 8.12 13.28
CA ASP A 363 -16.13 6.93 14.02
C ASP A 363 -17.49 6.50 13.49
N ARG A 364 -17.68 5.17 13.40
CA ARG A 364 -18.90 4.54 12.89
C ARG A 364 -20.14 4.86 13.70
#